data_5A72
#
_entry.id   5A72
#
_cell.length_a   51.179
_cell.length_b   94.210
_cell.length_c   51.340
_cell.angle_alpha   90.00
_cell.angle_beta   104.83
_cell.angle_gamma   90.00
#
_symmetry.space_group_name_H-M   'P 1 21 1'
#
loop_
_entity.id
_entity.type
_entity.pdbx_description
1 polymer 'DNA ENDONUCLEASE I-CVUI'
2 polymer "24MER DNA, 5'-D(*DTP*CP*AP*GP*AP*AP*CP*GP*TP*CP*GP*TP*AP *DCP*GP*AP*CP*GP*TP*TP*CP*TP*GP*A)-3'"
3 non-polymer 'CALCIUM ION'
4 water water
#
loop_
_entity_poly.entity_id
_entity_poly.type
_entity_poly.pdbx_seq_one_letter_code
_entity_poly.pdbx_strand_id
1 'polypeptide(L)'
;AQPTNFHDQLKFAWLAGFVDADGCINAQIVSREDYLLKYQVRVSLTVFQSTTQHFILLDIQKILGCGTVRKRNDGMSEFC
VVGGTSLQTTLEKLLPYLNLKRAQAKLVLQIIKKLPNTKDPSVLMEAALLADKVGLLTDGKKRTILAENVRECLKKLGHV
VSAALEHHHHHH
;
A,B
2 'polydeoxyribonucleotide'
;(DT)(DC)(DA)(DG)(DA)(DA)(DC)(DG)(DT)(DC)(DG)(DT)(DA)(DC)(DG)(DA)(DC)(DG)(DT)(DT)
(DC)(DT)(DG)(DA)
;
C,D
#
loop_
_chem_comp.id
_chem_comp.type
_chem_comp.name
_chem_comp.formula
CA non-polymer 'CALCIUM ION' 'Ca 2'
DA DNA linking 2'-DEOXYADENOSINE-5'-MONOPHOSPHATE 'C10 H14 N5 O6 P'
DC DNA linking 2'-DEOXYCYTIDINE-5'-MONOPHOSPHATE 'C9 H14 N3 O7 P'
DG DNA linking 2'-DEOXYGUANOSINE-5'-MONOPHOSPHATE 'C10 H14 N5 O7 P'
DT DNA linking THYMIDINE-5'-MONOPHOSPHATE 'C10 H15 N2 O8 P'
#
# COMPACT_ATOMS: atom_id res chain seq x y z
N ASN A 5 6.65 23.06 -6.31
CA ASN A 5 7.50 23.14 -5.12
C ASN A 5 7.86 21.76 -4.60
N PHE A 6 9.03 21.65 -3.96
CA PHE A 6 9.51 20.36 -3.51
C PHE A 6 8.68 19.77 -2.37
N HIS A 7 8.06 20.62 -1.55
CA HIS A 7 7.20 20.07 -0.52
C HIS A 7 5.98 19.39 -1.13
N ASP A 8 5.41 19.98 -2.18
CA ASP A 8 4.27 19.35 -2.82
C ASP A 8 4.61 18.00 -3.43
N GLN A 9 5.79 17.89 -4.01
CA GLN A 9 6.08 16.73 -4.80
C GLN A 9 6.63 15.62 -3.88
N LEU A 10 6.99 15.96 -2.65
CA LEU A 10 7.23 14.94 -1.63
C LEU A 10 5.91 14.31 -1.18
N LYS A 11 4.88 15.15 -1.07
CA LYS A 11 3.53 14.67 -0.84
C LYS A 11 3.07 13.73 -1.95
N PHE A 12 3.22 14.15 -3.21
CA PHE A 12 2.76 13.36 -4.35
C PHE A 12 3.55 12.04 -4.47
N ALA A 13 4.85 12.10 -4.21
CA ALA A 13 5.67 10.90 -4.24
C ALA A 13 5.19 9.90 -3.20
N TRP A 14 4.91 10.40 -1.98
CA TRP A 14 4.32 9.58 -0.94
C TRP A 14 2.98 9.02 -1.37
N LEU A 15 2.13 9.89 -1.90
CA LEU A 15 0.83 9.46 -2.41
C LEU A 15 0.97 8.40 -3.52
N ALA A 16 1.89 8.63 -4.45
CA ALA A 16 2.13 7.64 -5.49
C ALA A 16 2.46 6.28 -4.90
N GLY A 17 3.31 6.29 -3.86
CA GLY A 17 3.69 5.06 -3.19
C GLY A 17 2.48 4.42 -2.54
N PHE A 18 1.61 5.25 -1.99
CA PHE A 18 0.42 4.75 -1.33
C PHE A 18 -0.58 4.20 -2.35
N VAL A 19 -0.78 4.93 -3.45
CA VAL A 19 -1.66 4.42 -4.50
C VAL A 19 -1.07 3.15 -5.12
N ASP A 20 0.24 3.12 -5.34
CA ASP A 20 0.86 1.94 -5.91
C ASP A 20 0.54 0.70 -5.09
N ALA A 21 0.40 0.88 -3.79
CA ALA A 21 0.23 -0.24 -2.90
C ALA A 21 -1.23 -0.54 -2.60
N ASP A 22 -1.93 0.44 -2.02
CA ASP A 22 -3.31 0.24 -1.55
C ASP A 22 -4.33 0.93 -2.43
N GLY A 23 -3.98 1.15 -3.69
CA GLY A 23 -4.82 1.92 -4.58
C GLY A 23 -5.34 1.15 -5.77
N CYS A 24 -6.02 1.87 -6.64
CA CYS A 24 -6.61 1.28 -7.81
C CYS A 24 -6.92 2.38 -8.80
N ILE A 25 -6.15 2.39 -9.88
CA ILE A 25 -6.40 3.24 -11.02
C ILE A 25 -7.06 2.39 -12.07
N ASN A 26 -8.27 2.76 -12.48
CA ASN A 26 -9.10 1.85 -13.23
C ASN A 26 -10.01 2.50 -14.28
N ALA A 27 -10.55 1.64 -15.15
CA ALA A 27 -11.45 2.04 -16.20
C ALA A 27 -12.46 0.90 -16.35
N GLN A 28 -13.75 1.24 -16.33
CA GLN A 28 -14.77 0.21 -16.45
C GLN A 28 -15.83 0.65 -17.41
N ILE A 29 -16.51 -0.32 -17.99
CA ILE A 29 -17.63 -0.05 -18.85
C ILE A 29 -18.88 -0.22 -18.02
N VAL A 30 -19.60 0.86 -17.73
CA VAL A 30 -20.77 0.70 -16.88
C VAL A 30 -22.02 0.78 -17.75
N SER A 31 -22.94 -0.11 -17.44
CA SER A 31 -24.25 -0.10 -18.06
C SER A 31 -24.98 1.17 -17.63
N ARG A 32 -25.57 1.89 -18.59
CA ARG A 32 -26.34 3.10 -18.30
C ARG A 32 -27.59 3.13 -19.16
N GLU A 33 -28.72 2.67 -18.64
CA GLU A 33 -29.88 2.45 -19.52
C GLU A 33 -30.50 3.70 -20.16
N ASP A 34 -30.29 4.88 -19.59
CA ASP A 34 -30.81 6.08 -20.25
C ASP A 34 -29.78 6.75 -21.16
N TYR A 35 -28.63 6.11 -21.35
CA TYR A 35 -27.68 6.57 -22.36
C TYR A 35 -28.16 6.12 -23.76
N LEU A 36 -27.96 6.96 -24.77
CA LEU A 36 -28.31 6.56 -26.13
C LEU A 36 -27.55 5.31 -26.53
N LEU A 37 -26.25 5.31 -26.23
CA LEU A 37 -25.37 4.19 -26.55
C LEU A 37 -25.32 3.13 -25.45
N LYS A 38 -26.16 3.27 -24.44
CA LYS A 38 -26.28 2.27 -23.37
C LYS A 38 -25.04 2.05 -22.48
N TYR A 39 -23.91 2.71 -22.74
CA TYR A 39 -22.74 2.45 -21.92
C TYR A 39 -21.85 3.67 -21.69
N GLN A 40 -21.23 3.66 -20.52
CA GLN A 40 -20.24 4.66 -20.18
C GLN A 40 -18.90 3.98 -19.97
N VAL A 41 -17.84 4.69 -20.32
CA VAL A 41 -16.52 4.28 -19.90
C VAL A 41 -16.17 5.17 -18.73
N ARG A 42 -16.13 4.58 -17.55
CA ARG A 42 -15.84 5.31 -16.32
C ARG A 42 -14.37 5.18 -16.03
N VAL A 43 -13.74 6.27 -15.61
CA VAL A 43 -12.35 6.21 -15.18
C VAL A 43 -12.22 6.66 -13.72
N SER A 44 -11.33 6.04 -12.96
CA SER A 44 -11.24 6.39 -11.55
C SER A 44 -9.93 6.05 -10.88
N LEU A 45 -9.58 6.84 -9.88
CA LEU A 45 -8.56 6.47 -8.93
C LEU A 45 -9.21 6.28 -7.57
N THR A 46 -8.86 5.18 -6.91
CA THR A 46 -9.43 4.92 -5.60
C THR A 46 -8.38 4.44 -4.60
N VAL A 47 -8.49 4.92 -3.36
CA VAL A 47 -7.63 4.44 -2.27
C VAL A 47 -8.45 3.85 -1.17
N PHE A 48 -8.15 2.62 -0.80
CA PHE A 48 -8.93 1.93 0.21
C PHE A 48 -8.16 1.97 1.50
N GLN A 49 -8.88 1.81 2.60
CA GLN A 49 -8.27 1.72 3.92
C GLN A 49 -9.36 1.34 4.90
N SER A 50 -8.98 0.73 6.02
CA SER A 50 -9.95 0.41 7.05
C SER A 50 -10.47 1.71 7.67
N THR A 51 -11.76 1.72 8.00
CA THR A 51 -12.41 2.91 8.52
C THR A 51 -11.73 3.39 9.81
N THR A 52 -11.13 2.46 10.54
CA THR A 52 -10.41 2.81 11.75
C THR A 52 -9.28 3.80 11.46
N GLN A 53 -8.80 3.84 10.21
CA GLN A 53 -7.94 4.95 9.81
C GLN A 53 -8.60 5.76 8.70
N HIS A 54 -9.91 5.99 8.84
CA HIS A 54 -10.67 6.80 7.90
C HIS A 54 -9.95 8.11 7.58
N PHE A 55 -9.31 8.69 8.58
CA PHE A 55 -8.78 10.04 8.45
C PHE A 55 -7.73 10.18 7.34
N ILE A 56 -6.97 9.12 7.04
CA ILE A 56 -5.86 9.22 6.09
C ILE A 56 -6.42 9.54 4.69
N LEU A 57 -7.58 8.97 4.39
CA LEU A 57 -8.25 9.26 3.16
C LEU A 57 -8.64 10.73 3.09
N LEU A 58 -8.93 11.34 4.24
CA LEU A 58 -9.34 12.74 4.21
C LEU A 58 -8.11 13.59 3.93
N ASP A 59 -6.95 13.07 4.29
CA ASP A 59 -5.71 13.78 4.01
C ASP A 59 -5.39 13.75 2.51
N ILE A 60 -5.64 12.61 1.90
CA ILE A 60 -5.36 12.42 0.48
C ILE A 60 -6.22 13.40 -0.33
N GLN A 61 -7.49 13.50 0.02
CA GLN A 61 -8.40 14.46 -0.59
C GLN A 61 -7.95 15.90 -0.37
N LYS A 62 -7.32 16.14 0.77
CA LYS A 62 -6.84 17.49 1.05
C LYS A 62 -5.65 17.79 0.15
N ILE A 63 -4.79 16.78 -0.01
CA ILE A 63 -3.61 16.87 -0.89
C ILE A 63 -3.98 17.04 -2.37
N LEU A 64 -4.98 16.28 -2.82
CA LEU A 64 -5.42 16.33 -4.21
C LEU A 64 -6.36 17.49 -4.48
N GLY A 65 -7.05 17.94 -3.44
CA GLY A 65 -7.98 19.04 -3.56
C GLY A 65 -9.17 18.71 -4.42
N CYS A 66 -9.52 17.42 -4.49
CA CYS A 66 -10.75 16.98 -5.14
C CYS A 66 -11.05 15.53 -4.78
N GLY A 67 -12.12 14.96 -5.33
CA GLY A 67 -12.51 13.61 -4.99
C GLY A 67 -13.42 13.50 -3.78
N THR A 68 -13.93 12.30 -3.52
CA THR A 68 -14.86 12.08 -2.41
C THR A 68 -14.42 10.94 -1.49
N VAL A 69 -14.73 11.07 -0.20
CA VAL A 69 -14.48 10.01 0.78
C VAL A 69 -15.80 9.34 1.19
N ARG A 70 -15.81 8.01 1.30
CA ARG A 70 -16.99 7.30 1.84
C ARG A 70 -16.65 6.15 2.77
N LYS A 71 -17.54 5.90 3.74
CA LYS A 71 -17.50 4.68 4.54
C LYS A 71 -18.37 3.61 3.90
N ARG A 72 -17.84 2.45 3.59
CA ARG A 72 -18.61 1.34 3.08
C ARG A 72 -19.19 0.56 4.22
N ASN A 73 -20.11 -0.36 3.94
CA ASN A 73 -20.86 -0.99 5.02
C ASN A 73 -20.17 -2.22 5.58
N ASP A 74 -18.85 -2.31 5.40
CA ASP A 74 -18.12 -3.47 5.89
C ASP A 74 -16.82 -3.12 6.62
N GLY A 75 -16.75 -1.92 7.19
CA GLY A 75 -15.60 -1.53 7.98
C GLY A 75 -14.49 -0.88 7.18
N MET A 76 -14.69 -0.82 5.86
CA MET A 76 -13.76 -0.20 4.93
C MET A 76 -14.15 1.25 4.61
N SER A 77 -13.17 2.07 4.25
CA SER A 77 -13.47 3.38 3.69
C SER A 77 -12.74 3.55 2.37
N GLU A 78 -13.20 4.48 1.56
CA GLU A 78 -12.64 4.70 0.24
C GLU A 78 -12.53 6.18 -0.10
N PHE A 79 -11.45 6.54 -0.76
CA PHE A 79 -11.33 7.83 -1.39
C PHE A 79 -11.39 7.64 -2.91
N CYS A 80 -12.33 8.31 -3.56
CA CYS A 80 -12.52 8.15 -4.99
C CYS A 80 -12.44 9.45 -5.76
N VAL A 81 -11.68 9.41 -6.85
CA VAL A 81 -11.72 10.47 -7.86
C VAL A 81 -12.29 9.87 -9.14
N VAL A 82 -13.51 10.27 -9.51
CA VAL A 82 -14.16 9.77 -10.72
C VAL A 82 -14.20 10.79 -11.82
N GLY A 83 -13.90 10.36 -13.06
CA GLY A 83 -14.26 11.11 -14.25
C GLY A 83 -13.19 12.05 -14.78
N GLY A 84 -13.19 12.20 -16.10
CA GLY A 84 -12.13 12.90 -16.83
C GLY A 84 -11.55 14.18 -16.26
N THR A 85 -12.43 15.13 -15.94
CA THR A 85 -12.00 16.45 -15.47
C THR A 85 -11.08 16.42 -14.25
N SER A 86 -11.53 15.83 -13.17
CA SER A 86 -10.72 15.85 -11.96
C SER A 86 -9.63 14.78 -12.02
N LEU A 87 -9.87 13.74 -12.81
CA LEU A 87 -8.93 12.62 -12.85
C LEU A 87 -7.66 12.92 -13.60
N GLN A 88 -7.78 13.55 -14.75
CA GLN A 88 -6.62 13.89 -15.56
C GLN A 88 -5.62 14.72 -14.75
N THR A 89 -6.16 15.67 -14.01
CA THR A 89 -5.34 16.54 -13.18
C THR A 89 -4.59 15.74 -12.12
N THR A 90 -5.30 14.85 -11.45
CA THR A 90 -4.73 14.00 -10.40
C THR A 90 -3.63 13.09 -10.92
N LEU A 91 -3.92 12.40 -12.02
CA LEU A 91 -2.97 11.44 -12.57
C LEU A 91 -1.70 12.11 -13.04
N GLU A 92 -1.77 13.35 -13.49
CA GLU A 92 -0.58 14.02 -13.97
C GLU A 92 0.35 14.32 -12.80
N LYS A 93 -0.23 14.64 -11.65
CA LYS A 93 0.55 14.85 -10.42
C LYS A 93 1.31 13.58 -10.01
N LEU A 94 0.67 12.42 -10.09
CA LEU A 94 1.25 11.19 -9.56
C LEU A 94 2.16 10.52 -10.57
N LEU A 95 1.86 10.69 -11.84
CA LEU A 95 2.53 9.98 -12.93
C LEU A 95 4.06 9.89 -12.81
N PRO A 96 4.75 11.01 -12.51
CA PRO A 96 6.21 10.90 -12.37
C PRO A 96 6.67 9.89 -11.30
N TYR A 97 5.79 9.55 -10.36
CA TYR A 97 6.18 8.79 -9.16
C TYR A 97 5.56 7.41 -9.08
N LEU A 98 4.53 7.15 -9.88
CA LEU A 98 3.95 5.83 -9.88
C LEU A 98 4.98 4.84 -10.42
N ASN A 99 5.01 3.65 -9.84
CA ASN A 99 5.84 2.60 -10.37
C ASN A 99 4.99 1.41 -10.81
N LEU A 100 4.35 0.73 -9.86
CA LEU A 100 3.46 -0.38 -10.23
C LEU A 100 2.32 -0.04 -11.18
N LYS A 101 1.78 1.16 -11.07
CA LYS A 101 0.54 1.46 -11.75
C LYS A 101 0.68 2.52 -12.84
N ARG A 102 1.89 2.75 -13.33
CA ARG A 102 2.06 3.80 -14.32
C ARG A 102 1.38 3.41 -15.63
N ALA A 103 1.28 2.11 -15.88
CA ALA A 103 0.64 1.62 -17.10
C ALA A 103 -0.83 1.98 -17.10
N GLN A 104 -1.55 1.66 -16.01
CA GLN A 104 -2.96 2.04 -15.94
C GLN A 104 -3.15 3.54 -16.03
N ALA A 105 -2.26 4.30 -15.43
CA ALA A 105 -2.40 5.74 -15.45
C ALA A 105 -2.34 6.25 -16.87
N LYS A 106 -1.34 5.81 -17.63
CA LYS A 106 -1.16 6.24 -19.01
C LYS A 106 -2.32 5.80 -19.88
N LEU A 107 -2.71 4.53 -19.74
CA LEU A 107 -3.84 3.99 -20.46
C LEU A 107 -5.11 4.81 -20.19
N VAL A 108 -5.39 5.03 -18.91
CA VAL A 108 -6.52 5.86 -18.52
C VAL A 108 -6.40 7.28 -19.07
N LEU A 109 -5.17 7.79 -19.13
CA LEU A 109 -4.99 9.11 -19.70
C LEU A 109 -5.35 9.10 -21.19
N GLN A 110 -5.12 7.98 -21.89
CA GLN A 110 -5.53 7.87 -23.29
C GLN A 110 -7.04 7.91 -23.38
N ILE A 111 -7.69 7.22 -22.45
CA ILE A 111 -9.14 7.16 -22.41
C ILE A 111 -9.72 8.54 -22.21
N ILE A 112 -9.08 9.33 -21.37
CA ILE A 112 -9.61 10.62 -21.01
C ILE A 112 -9.58 11.56 -22.23
N LYS A 113 -8.67 11.31 -23.17
CA LYS A 113 -8.62 12.15 -24.35
C LYS A 113 -9.89 11.94 -25.17
N LYS A 114 -10.43 10.73 -25.10
CA LYS A 114 -11.56 10.32 -25.91
C LYS A 114 -12.92 10.67 -25.31
N LEU A 115 -12.99 10.72 -23.99
CA LEU A 115 -14.27 10.90 -23.30
C LEU A 115 -15.15 12.07 -23.76
N PRO A 116 -14.57 13.25 -24.06
CA PRO A 116 -15.44 14.32 -24.57
C PRO A 116 -16.15 13.98 -25.88
N ASN A 117 -15.83 12.86 -26.52
CA ASN A 117 -16.49 12.52 -27.77
C ASN A 117 -17.11 11.14 -27.80
N THR A 118 -17.59 10.67 -26.65
CA THR A 118 -18.15 9.32 -26.59
C THR A 118 -19.61 9.27 -26.97
N LYS A 119 -20.16 10.39 -27.43
CA LYS A 119 -21.45 10.29 -28.08
C LYS A 119 -21.26 9.61 -29.43
N ASP A 120 -20.09 9.81 -30.02
CA ASP A 120 -19.70 9.09 -31.23
C ASP A 120 -19.44 7.63 -30.88
N PRO A 121 -20.22 6.70 -31.44
CA PRO A 121 -20.11 5.29 -31.08
C PRO A 121 -18.77 4.69 -31.47
N SER A 122 -18.14 5.28 -32.47
CA SER A 122 -16.87 4.77 -32.93
C SER A 122 -15.82 5.13 -31.86
N VAL A 123 -15.97 6.32 -31.30
CA VAL A 123 -15.10 6.74 -30.21
C VAL A 123 -15.37 6.01 -28.91
N LEU A 124 -16.65 5.82 -28.57
CA LEU A 124 -17.00 4.98 -27.42
C LEU A 124 -16.33 3.62 -27.51
N MET A 125 -16.29 3.10 -28.72
CA MET A 125 -15.79 1.75 -28.96
C MET A 125 -14.30 1.70 -28.68
N GLU A 126 -13.58 2.74 -29.09
CA GLU A 126 -12.14 2.82 -28.82
C GLU A 126 -11.90 2.86 -27.32
N ALA A 127 -12.57 3.78 -26.64
CA ALA A 127 -12.48 3.87 -25.18
C ALA A 127 -12.74 2.52 -24.49
N ALA A 128 -13.76 1.81 -24.96
CA ALA A 128 -14.13 0.55 -24.34
C ALA A 128 -13.05 -0.48 -24.58
N LEU A 129 -12.43 -0.41 -25.74
CA LEU A 129 -11.36 -1.34 -26.02
C LEU A 129 -10.19 -1.05 -25.08
N LEU A 130 -9.94 0.23 -24.82
CA LEU A 130 -8.86 0.59 -23.91
C LEU A 130 -9.17 0.14 -22.49
N ALA A 131 -10.39 0.44 -22.03
CA ALA A 131 -10.84 0.02 -20.72
C ALA A 131 -10.60 -1.46 -20.47
N ASP A 132 -10.68 -2.28 -21.51
CA ASP A 132 -10.37 -3.70 -21.38
C ASP A 132 -8.90 -3.93 -21.08
N LYS A 133 -8.05 -3.14 -21.72
CA LYS A 133 -6.62 -3.34 -21.53
C LYS A 133 -6.18 -2.93 -20.12
N VAL A 134 -6.91 -2.00 -19.50
CA VAL A 134 -6.64 -1.63 -18.13
C VAL A 134 -7.01 -2.79 -17.21
N GLY A 135 -8.14 -3.41 -17.50
CA GLY A 135 -8.61 -4.53 -16.72
C GLY A 135 -7.69 -5.73 -16.73
N LEU A 136 -6.89 -5.89 -17.78
CA LEU A 136 -5.93 -6.99 -17.84
C LEU A 136 -4.76 -6.73 -16.90
N LEU A 137 -4.52 -5.47 -16.58
CA LEU A 137 -3.46 -5.09 -15.66
C LEU A 137 -3.87 -5.16 -14.18
N THR A 138 -5.16 -5.19 -13.91
CA THR A 138 -5.57 -5.29 -12.52
C THR A 138 -5.78 -6.75 -12.14
N ASP A 139 -5.96 -6.99 -10.84
CA ASP A 139 -6.13 -8.35 -10.35
C ASP A 139 -7.60 -8.72 -10.30
N GLY A 140 -8.43 -7.96 -11.01
CA GLY A 140 -9.86 -8.21 -10.98
C GLY A 140 -10.22 -9.59 -11.48
N LYS A 141 -11.24 -10.17 -10.86
CA LYS A 141 -11.74 -11.46 -11.29
C LYS A 141 -13.27 -11.43 -11.41
N LYS A 142 -13.82 -10.23 -11.36
CA LYS A 142 -15.27 -10.08 -11.32
C LYS A 142 -15.80 -9.32 -12.55
N ARG A 143 -14.90 -9.01 -13.48
CA ARG A 143 -15.22 -8.17 -14.63
C ARG A 143 -16.16 -8.88 -15.61
N THR A 144 -17.32 -8.28 -15.83
CA THR A 144 -18.40 -8.85 -16.62
C THR A 144 -18.55 -8.12 -17.96
N ILE A 145 -18.64 -6.80 -17.88
CA ILE A 145 -18.87 -5.97 -19.03
C ILE A 145 -17.60 -5.71 -19.81
N LEU A 146 -17.46 -6.38 -20.94
CA LEU A 146 -16.30 -6.25 -21.80
C LEU A 146 -16.61 -5.41 -23.04
N ALA A 147 -15.57 -5.08 -23.80
CA ALA A 147 -15.76 -4.30 -25.03
C ALA A 147 -16.67 -5.03 -26.03
N GLU A 148 -16.58 -6.36 -26.03
CA GLU A 148 -17.38 -7.22 -26.90
C GLU A 148 -18.86 -6.95 -26.72
N ASN A 149 -19.26 -6.61 -25.50
CA ASN A 149 -20.66 -6.37 -25.20
C ASN A 149 -21.10 -5.00 -25.68
N VAL A 150 -20.16 -4.07 -25.70
CA VAL A 150 -20.45 -2.76 -26.23
C VAL A 150 -20.64 -2.87 -27.75
N ARG A 151 -19.75 -3.60 -28.40
CA ARG A 151 -19.81 -3.80 -29.84
C ARG A 151 -21.10 -4.52 -30.27
N GLU A 152 -21.45 -5.59 -29.57
CA GLU A 152 -22.70 -6.31 -29.85
C GLU A 152 -23.90 -5.40 -29.78
N CYS A 153 -23.86 -4.47 -28.82
CA CYS A 153 -24.99 -3.62 -28.52
C CYS A 153 -25.11 -2.45 -29.50
N LEU A 154 -24.00 -1.76 -29.71
CA LEU A 154 -23.94 -0.69 -30.69
C LEU A 154 -24.50 -1.16 -32.03
N LYS A 155 -24.06 -2.34 -32.47
CA LYS A 155 -24.51 -2.89 -33.76
C LYS A 155 -26.00 -3.12 -33.74
N LYS A 156 -26.48 -3.75 -32.67
CA LYS A 156 -27.91 -3.94 -32.46
C LYS A 156 -28.64 -2.61 -32.44
N LEU A 157 -27.98 -1.55 -31.97
CA LEU A 157 -28.58 -0.22 -31.94
C LEU A 157 -28.58 0.47 -33.30
N GLY A 158 -28.05 -0.22 -34.32
CA GLY A 158 -28.05 0.32 -35.66
C GLY A 158 -26.80 1.10 -36.02
N HIS A 159 -25.82 1.13 -35.13
CA HIS A 159 -24.62 1.91 -35.37
C HIS A 159 -23.55 1.08 -36.08
N VAL A 160 -22.47 1.75 -36.48
CA VAL A 160 -21.44 1.12 -37.30
C VAL A 160 -20.04 1.30 -36.71
N VAL A 161 -19.36 0.19 -36.49
CA VAL A 161 -17.98 0.25 -36.03
C VAL A 161 -17.05 -0.43 -37.05
N ASN B 5 20.47 13.63 -3.15
CA ASN B 5 19.51 13.19 -2.15
C ASN B 5 18.18 13.94 -2.27
N PHE B 6 18.18 15.14 -2.87
CA PHE B 6 16.92 15.76 -3.28
C PHE B 6 16.16 14.73 -4.13
N HIS B 7 16.91 13.99 -4.93
CA HIS B 7 16.40 12.83 -5.63
C HIS B 7 16.06 11.71 -4.63
N ASP B 8 17.01 11.32 -3.79
CA ASP B 8 16.78 10.23 -2.84
C ASP B 8 15.55 10.43 -1.96
N GLN B 9 15.29 11.67 -1.57
CA GLN B 9 14.21 11.93 -0.64
C GLN B 9 12.88 11.64 -1.32
N LEU B 10 12.87 11.73 -2.64
CA LEU B 10 11.68 11.39 -3.41
C LEU B 10 11.46 9.88 -3.39
N LYS B 11 12.55 9.14 -3.53
CA LYS B 11 12.48 7.69 -3.41
C LYS B 11 11.97 7.29 -2.02
N PHE B 12 12.55 7.86 -0.96
CA PHE B 12 12.17 7.49 0.41
C PHE B 12 10.72 7.81 0.68
N ALA B 13 10.29 8.97 0.18
CA ALA B 13 8.91 9.40 0.31
C ALA B 13 7.99 8.40 -0.37
N TRP B 14 8.36 7.99 -1.59
CA TRP B 14 7.58 7.01 -2.31
C TRP B 14 7.50 5.73 -1.52
N LEU B 15 8.67 5.27 -1.09
CA LEU B 15 8.76 4.04 -0.30
C LEU B 15 7.91 4.14 1.00
N ALA B 16 8.03 5.25 1.71
CA ALA B 16 7.17 5.48 2.87
C ALA B 16 5.69 5.28 2.56
N GLY B 17 5.26 5.78 1.40
CA GLY B 17 3.88 5.61 0.96
C GLY B 17 3.59 4.14 0.76
N PHE B 18 4.53 3.44 0.14
CA PHE B 18 4.35 2.04 -0.14
C PHE B 18 4.32 1.21 1.14
N VAL B 19 5.21 1.51 2.07
CA VAL B 19 5.20 0.78 3.34
C VAL B 19 3.96 1.13 4.17
N ASP B 20 3.60 2.42 4.24
CA ASP B 20 2.37 2.82 4.92
C ASP B 20 1.18 1.99 4.47
N ALA B 21 1.18 1.54 3.23
CA ALA B 21 0.05 0.80 2.70
C ALA B 21 0.27 -0.72 2.70
N ASP B 22 1.30 -1.18 2.00
CA ASP B 22 1.52 -2.61 1.75
C ASP B 22 2.64 -3.18 2.59
N GLY B 23 2.95 -2.50 3.69
CA GLY B 23 4.09 -2.84 4.49
C GLY B 23 3.74 -3.25 5.89
N CYS B 24 4.77 -3.43 6.71
CA CYS B 24 4.58 -3.91 8.05
C CYS B 24 5.83 -3.67 8.88
N ILE B 25 5.77 -2.67 9.75
CA ILE B 25 6.82 -2.40 10.72
C ILE B 25 6.41 -3.02 12.04
N ASN B 26 7.19 -3.99 12.49
CA ASN B 26 6.75 -4.86 13.57
C ASN B 26 7.85 -5.22 14.57
N ALA B 27 7.45 -5.87 15.66
CA ALA B 27 8.35 -6.28 16.72
C ALA B 27 7.75 -7.48 17.39
N GLN B 28 8.42 -8.63 17.35
CA GLN B 28 7.87 -9.88 17.85
C GLN B 28 8.67 -10.41 19.00
N ILE B 29 8.05 -11.27 19.78
CA ILE B 29 8.77 -12.02 20.76
C ILE B 29 8.88 -13.42 20.20
N VAL B 30 10.08 -13.83 19.80
CA VAL B 30 10.23 -15.16 19.22
C VAL B 30 10.87 -16.09 20.23
N SER B 31 10.37 -17.31 20.27
CA SER B 31 10.92 -18.28 21.18
C SER B 31 12.30 -18.69 20.64
N ARG B 32 13.29 -18.75 21.52
CA ARG B 32 14.62 -19.17 21.13
C ARG B 32 15.16 -20.21 22.11
N GLU B 33 14.96 -21.48 21.78
CA GLU B 33 15.34 -22.59 22.66
C GLU B 33 16.77 -22.56 23.22
N ASP B 34 17.72 -22.02 22.45
CA ASP B 34 19.11 -21.98 22.92
C ASP B 34 19.56 -20.60 23.44
N TYR B 35 18.63 -19.67 23.57
CA TYR B 35 18.94 -18.42 24.27
C TYR B 35 18.93 -18.72 25.78
N LEU B 36 19.85 -18.11 26.52
CA LEU B 36 19.83 -18.26 27.97
C LEU B 36 18.50 -17.82 28.52
N LEU B 37 17.97 -16.72 27.96
CA LEU B 37 16.72 -16.12 28.41
C LEU B 37 15.50 -16.61 27.65
N LYS B 38 15.70 -17.61 26.80
CA LYS B 38 14.62 -18.26 26.04
C LYS B 38 13.87 -17.40 25.00
N TYR B 39 14.19 -16.11 24.88
CA TYR B 39 13.44 -15.27 23.96
C TYR B 39 14.23 -14.14 23.35
N GLN B 40 13.82 -13.78 22.14
CA GLN B 40 14.39 -12.65 21.45
C GLN B 40 13.29 -11.66 21.11
N VAL B 41 13.63 -10.38 21.13
CA VAL B 41 12.73 -9.39 20.57
C VAL B 41 13.21 -9.07 19.14
N ARG B 42 12.54 -9.67 18.17
CA ARG B 42 12.88 -9.42 16.77
C ARG B 42 12.23 -8.13 16.33
N VAL B 43 12.93 -7.36 15.50
CA VAL B 43 12.34 -6.17 14.89
C VAL B 43 12.50 -6.23 13.39
N SER B 44 11.48 -5.78 12.67
CA SER B 44 11.51 -5.92 11.22
C SER B 44 10.65 -4.91 10.48
N LEU B 45 11.09 -4.61 9.28
CA LEU B 45 10.26 -3.94 8.30
C LEU B 45 10.05 -4.89 7.14
N THR B 46 8.81 -5.01 6.68
CA THR B 46 8.51 -5.95 5.63
C THR B 46 7.52 -5.39 4.59
N VAL B 47 7.77 -5.68 3.33
CA VAL B 47 6.90 -5.26 2.23
C VAL B 47 6.40 -6.47 1.47
N PHE B 48 5.11 -6.56 1.22
CA PHE B 48 4.54 -7.72 0.58
C PHE B 48 4.08 -7.35 -0.81
N GLN B 49 4.14 -8.31 -1.72
CA GLN B 49 3.61 -8.11 -3.06
C GLN B 49 3.45 -9.45 -3.72
N SER B 50 2.50 -9.53 -4.67
CA SER B 50 2.34 -10.72 -5.46
C SER B 50 3.61 -10.99 -6.26
N THR B 51 4.04 -12.25 -6.30
CA THR B 51 5.28 -12.62 -6.96
C THR B 51 5.31 -12.16 -8.44
N THR B 52 4.13 -11.95 -9.02
CA THR B 52 4.02 -11.50 -10.40
C THR B 52 4.61 -10.10 -10.55
N GLN B 53 4.81 -9.41 -9.43
CA GLN B 53 5.53 -8.16 -9.47
C GLN B 53 6.69 -8.22 -8.50
N HIS B 54 7.29 -9.42 -8.39
CA HIS B 54 8.45 -9.67 -7.53
C HIS B 54 9.52 -8.59 -7.69
N PHE B 55 9.69 -8.09 -8.90
CA PHE B 55 10.77 -7.16 -9.19
C PHE B 55 10.74 -5.89 -8.34
N ILE B 56 9.54 -5.41 -7.97
CA ILE B 56 9.45 -4.13 -7.25
C ILE B 56 10.11 -4.28 -5.87
N LEU B 57 10.02 -5.48 -5.30
CA LEU B 57 10.70 -5.75 -4.07
C LEU B 57 12.21 -5.62 -4.25
N LEU B 58 12.71 -6.02 -5.41
CA LEU B 58 14.14 -5.93 -5.66
C LEU B 58 14.56 -4.47 -5.80
N ASP B 59 13.64 -3.65 -6.26
CA ASP B 59 13.90 -2.23 -6.43
C ASP B 59 13.96 -1.52 -5.07
N ILE B 60 13.15 -2.00 -4.13
CA ILE B 60 13.15 -1.45 -2.79
C ILE B 60 14.49 -1.75 -2.10
N GLN B 61 14.92 -3.01 -2.18
CA GLN B 61 16.21 -3.45 -1.66
C GLN B 61 17.40 -2.69 -2.26
N LYS B 62 17.26 -2.30 -3.52
CA LYS B 62 18.30 -1.49 -4.15
C LYS B 62 18.30 -0.09 -3.52
N ILE B 63 17.11 0.47 -3.33
CA ILE B 63 16.94 1.78 -2.72
C ILE B 63 17.52 1.83 -1.31
N LEU B 64 17.32 0.77 -0.54
CA LEU B 64 17.70 0.75 0.86
C LEU B 64 19.12 0.30 1.07
N GLY B 65 19.60 -0.53 0.15
CA GLY B 65 20.95 -1.05 0.23
C GLY B 65 21.11 -2.07 1.33
N CYS B 66 20.03 -2.76 1.67
CA CYS B 66 20.08 -3.86 2.64
C CYS B 66 18.76 -4.63 2.59
N GLY B 67 18.68 -5.70 3.36
CA GLY B 67 17.45 -6.48 3.40
C GLY B 67 17.41 -7.62 2.40
N THR B 68 16.49 -8.56 2.61
CA THR B 68 16.39 -9.73 1.75
C THR B 68 15.06 -9.83 1.01
N VAL B 69 15.10 -10.41 -0.17
CA VAL B 69 13.89 -10.69 -0.94
C VAL B 69 13.66 -12.19 -1.00
N ARG B 70 12.42 -12.64 -0.81
CA ARG B 70 12.08 -14.05 -0.96
C ARG B 70 10.69 -14.26 -1.58
N LYS B 71 10.54 -15.34 -2.33
CA LYS B 71 9.23 -15.80 -2.73
C LYS B 71 8.71 -16.80 -1.71
N ARG B 72 7.50 -16.66 -1.25
CA ARG B 72 6.90 -17.64 -0.38
C ARG B 72 6.10 -18.60 -1.21
N ASN B 73 5.63 -19.68 -0.61
CA ASN B 73 5.14 -20.81 -1.39
C ASN B 73 3.67 -20.68 -1.75
N ASP B 74 3.16 -19.46 -1.73
CA ASP B 74 1.74 -19.24 -2.01
C ASP B 74 1.48 -18.17 -3.07
N GLY B 75 2.51 -17.82 -3.85
CA GLY B 75 2.36 -16.84 -4.90
C GLY B 75 2.68 -15.42 -4.46
N MET B 76 3.03 -15.27 -3.18
CA MET B 76 3.43 -13.97 -2.63
C MET B 76 4.93 -13.82 -2.58
N SER B 77 5.41 -12.58 -2.60
CA SER B 77 6.82 -12.32 -2.35
C SER B 77 6.99 -11.35 -1.18
N GLU B 78 8.16 -11.37 -0.57
CA GLU B 78 8.41 -10.52 0.58
C GLU B 78 9.79 -9.89 0.56
N PHE B 79 9.86 -8.66 1.03
CA PHE B 79 11.12 -8.00 1.28
C PHE B 79 11.22 -7.77 2.79
N CYS B 80 12.38 -8.06 3.36
CA CYS B 80 12.50 -7.99 4.79
C CYS B 80 13.83 -7.44 5.24
N VAL B 81 13.76 -6.44 6.11
CA VAL B 81 14.92 -5.96 6.84
C VAL B 81 14.75 -6.38 8.29
N VAL B 82 15.59 -7.32 8.75
CA VAL B 82 15.51 -7.79 10.13
C VAL B 82 16.69 -7.29 10.96
N GLY B 83 16.43 -6.87 12.19
CA GLY B 83 17.48 -6.64 13.16
C GLY B 83 17.96 -5.22 13.30
N GLY B 84 18.35 -4.88 14.53
CA GLY B 84 18.74 -3.52 14.91
C GLY B 84 19.66 -2.77 13.97
N THR B 85 20.72 -3.41 13.51
CA THR B 85 21.72 -2.74 12.68
C THR B 85 21.16 -2.17 11.38
N SER B 86 20.52 -3.03 10.61
CA SER B 86 20.01 -2.62 9.33
C SER B 86 18.74 -1.80 9.48
N LEU B 87 17.92 -2.18 10.46
CA LEU B 87 16.58 -1.62 10.56
C LEU B 87 16.62 -0.16 10.98
N GLN B 88 17.50 0.16 11.92
CA GLN B 88 17.56 1.53 12.44
C GLN B 88 17.88 2.52 11.33
N THR B 89 18.86 2.17 10.50
CA THR B 89 19.22 2.99 9.35
C THR B 89 18.04 3.18 8.41
N THR B 90 17.35 2.07 8.14
CA THR B 90 16.20 2.08 7.24
C THR B 90 15.07 2.96 7.77
N LEU B 91 14.76 2.81 9.05
CA LEU B 91 13.64 3.54 9.65
C LEU B 91 13.92 5.02 9.79
N GLU B 92 15.18 5.41 9.95
CA GLU B 92 15.47 6.83 10.02
C GLU B 92 15.28 7.47 8.67
N LYS B 93 15.53 6.69 7.61
CA LYS B 93 15.31 7.18 6.25
C LYS B 93 13.83 7.42 5.99
N LEU B 94 12.99 6.51 6.47
CA LEU B 94 11.56 6.58 6.17
C LEU B 94 10.78 7.47 7.14
N LEU B 95 11.29 7.60 8.36
CA LEU B 95 10.56 8.28 9.43
C LEU B 95 9.97 9.65 9.11
N PRO B 96 10.69 10.50 8.35
CA PRO B 96 10.05 11.78 8.04
C PRO B 96 8.82 11.70 7.10
N TYR B 97 8.65 10.61 6.36
CA TYR B 97 7.56 10.51 5.38
C TYR B 97 6.48 9.50 5.75
N LEU B 98 6.75 8.66 6.74
CA LEU B 98 5.74 7.71 7.19
C LEU B 98 4.54 8.45 7.79
N ASN B 99 3.34 7.98 7.52
CA ASN B 99 2.17 8.60 8.13
C ASN B 99 1.39 7.62 9.00
N LEU B 100 0.83 6.57 8.41
CA LEU B 100 0.18 5.53 9.21
C LEU B 100 1.09 4.80 10.20
N LYS B 101 2.32 4.50 9.82
CA LYS B 101 3.13 3.59 10.63
C LYS B 101 4.21 4.30 11.43
N ARG B 102 4.08 5.62 11.64
CA ARG B 102 5.12 6.34 12.35
C ARG B 102 5.15 5.93 13.82
N ALA B 103 3.99 5.51 14.32
CA ALA B 103 3.94 5.03 15.70
C ALA B 103 4.80 3.78 15.83
N GLN B 104 4.54 2.76 15.01
CA GLN B 104 5.37 1.55 15.04
C GLN B 104 6.84 1.84 14.83
N ALA B 105 7.18 2.70 13.88
CA ALA B 105 8.57 2.97 13.62
C ALA B 105 9.25 3.60 14.84
N LYS B 106 8.60 4.60 15.43
CA LYS B 106 9.19 5.24 16.61
C LYS B 106 9.33 4.25 17.75
N LEU B 107 8.31 3.41 17.93
CA LEU B 107 8.35 2.41 18.98
C LEU B 107 9.47 1.40 18.75
N VAL B 108 9.57 0.89 17.53
CA VAL B 108 10.63 -0.04 17.17
C VAL B 108 12.01 0.62 17.36
N LEU B 109 12.12 1.90 17.07
CA LEU B 109 13.38 2.58 17.32
C LEU B 109 13.73 2.55 18.83
N GLN B 110 12.74 2.62 19.72
CA GLN B 110 13.03 2.52 21.15
C GLN B 110 13.53 1.13 21.51
N ILE B 111 12.91 0.10 20.93
CA ILE B 111 13.35 -1.28 21.11
C ILE B 111 14.81 -1.44 20.68
N ILE B 112 15.16 -0.79 19.59
CA ILE B 112 16.50 -0.98 19.03
C ILE B 112 17.53 -0.37 19.97
N LYS B 113 17.14 0.64 20.73
CA LYS B 113 18.04 1.20 21.73
C LYS B 113 18.44 0.13 22.75
N LYS B 114 17.53 -0.80 23.00
CA LYS B 114 17.70 -1.77 24.07
C LYS B 114 18.39 -3.07 23.68
N LEU B 115 18.28 -3.44 22.41
CA LEU B 115 18.78 -4.73 21.94
C LEU B 115 20.24 -5.07 22.22
N PRO B 116 21.14 -4.06 22.26
CA PRO B 116 22.51 -4.46 22.63
C PRO B 116 22.62 -5.00 24.05
N ASN B 117 21.62 -4.75 24.89
CA ASN B 117 21.71 -5.13 26.28
C ASN B 117 20.63 -6.08 26.73
N THR B 118 20.11 -6.88 25.79
CA THR B 118 19.04 -7.81 26.11
C THR B 118 19.55 -9.13 26.67
N LYS B 119 20.85 -9.23 26.95
CA LYS B 119 21.32 -10.34 27.75
C LYS B 119 20.94 -10.10 29.23
N ASP B 120 20.68 -8.84 29.58
CA ASP B 120 20.12 -8.52 30.89
C ASP B 120 18.60 -8.72 30.89
N PRO B 121 18.10 -9.57 31.79
CA PRO B 121 16.68 -9.91 31.85
C PRO B 121 15.75 -8.70 32.01
N SER B 122 16.14 -7.71 32.81
CA SER B 122 15.27 -6.57 33.00
C SER B 122 15.14 -5.81 31.66
N VAL B 123 16.24 -5.72 30.92
CA VAL B 123 16.20 -5.07 29.61
C VAL B 123 15.39 -5.86 28.57
N LEU B 124 15.65 -7.15 28.46
CA LEU B 124 14.82 -8.02 27.63
C LEU B 124 13.32 -7.84 27.93
N MET B 125 13.03 -7.63 29.22
CA MET B 125 11.67 -7.49 29.68
C MET B 125 11.10 -6.15 29.26
N GLU B 126 11.94 -5.11 29.32
CA GLU B 126 11.51 -3.80 28.86
C GLU B 126 11.13 -3.88 27.40
N ALA B 127 12.07 -4.32 26.57
CA ALA B 127 11.84 -4.50 25.14
C ALA B 127 10.58 -5.31 24.82
N ALA B 128 10.33 -6.39 25.54
CA ALA B 128 9.17 -7.22 25.24
C ALA B 128 7.90 -6.44 25.54
N LEU B 129 7.93 -5.64 26.60
CA LEU B 129 6.78 -4.80 26.87
C LEU B 129 6.55 -3.86 25.69
N LEU B 130 7.64 -3.30 25.18
CA LEU B 130 7.52 -2.42 24.03
C LEU B 130 7.00 -3.18 22.81
N ALA B 131 7.43 -4.42 22.64
CA ALA B 131 7.01 -5.24 21.51
C ALA B 131 5.50 -5.46 21.50
N ASP B 132 4.94 -5.79 22.65
CA ASP B 132 3.49 -5.95 22.76
C ASP B 132 2.80 -4.66 22.36
N LYS B 133 3.41 -3.55 22.74
CA LYS B 133 2.86 -2.24 22.45
C LYS B 133 2.73 -2.01 20.93
N VAL B 134 3.67 -2.53 20.16
CA VAL B 134 3.62 -2.44 18.72
C VAL B 134 2.49 -3.30 18.18
N GLY B 135 2.33 -4.48 18.75
CA GLY B 135 1.35 -5.43 18.27
C GLY B 135 -0.08 -4.95 18.40
N LEU B 136 -0.31 -3.99 19.29
CA LEU B 136 -1.63 -3.37 19.41
C LEU B 136 -1.90 -2.43 18.25
N LEU B 137 -0.85 -1.85 17.69
CA LEU B 137 -0.98 -0.94 16.56
C LEU B 137 -1.19 -1.66 15.21
N THR B 138 -0.89 -2.96 15.16
CA THR B 138 -1.07 -3.66 13.90
C THR B 138 -2.42 -4.33 13.86
N ASP B 139 -2.77 -4.84 12.68
CA ASP B 139 -4.00 -5.60 12.48
C ASP B 139 -3.76 -7.09 12.65
N GLY B 140 -2.97 -7.46 13.66
CA GLY B 140 -2.66 -8.86 13.90
C GLY B 140 -3.72 -9.55 14.73
N LYS B 141 -3.95 -10.82 14.42
CA LYS B 141 -4.92 -11.62 15.16
C LYS B 141 -4.38 -13.02 15.47
N LYS B 142 -3.07 -13.20 15.38
CA LYS B 142 -2.48 -14.53 15.60
C LYS B 142 -1.37 -14.49 16.66
N ARG B 143 -1.15 -13.30 17.20
CA ARG B 143 -0.11 -13.05 18.20
C ARG B 143 -0.34 -13.80 19.51
N THR B 144 0.55 -14.73 19.83
CA THR B 144 0.38 -15.55 21.04
C THR B 144 1.49 -15.32 22.06
N ILE B 145 2.68 -14.96 21.60
CA ILE B 145 3.77 -14.74 22.52
C ILE B 145 3.77 -13.31 23.03
N LEU B 146 3.41 -13.15 24.29
CA LEU B 146 3.27 -11.83 24.88
C LEU B 146 4.36 -11.58 25.90
N ALA B 147 4.42 -10.35 26.39
CA ALA B 147 5.40 -9.98 27.41
C ALA B 147 5.21 -10.83 28.67
N GLU B 148 3.95 -11.17 28.98
CA GLU B 148 3.68 -11.94 30.20
C GLU B 148 4.26 -13.35 30.08
N ASN B 149 4.43 -13.84 28.86
CA ASN B 149 5.11 -15.12 28.66
C ASN B 149 6.56 -15.00 29.05
N VAL B 150 7.15 -13.87 28.69
CA VAL B 150 8.54 -13.63 28.98
C VAL B 150 8.75 -13.46 30.47
N ARG B 151 7.84 -12.74 31.12
CA ARG B 151 7.96 -12.47 32.54
C ARG B 151 7.84 -13.76 33.34
N GLU B 152 6.87 -14.60 32.99
CA GLU B 152 6.73 -15.88 33.68
C GLU B 152 7.99 -16.71 33.57
N CYS B 153 8.54 -16.74 32.36
CA CYS B 153 9.68 -17.59 32.07
C CYS B 153 10.92 -17.07 32.77
N LEU B 154 11.15 -15.77 32.68
CA LEU B 154 12.29 -15.16 33.31
C LEU B 154 12.29 -15.50 34.77
N LYS B 155 11.14 -15.39 35.41
CA LYS B 155 11.02 -15.65 36.84
C LYS B 155 11.36 -17.09 37.12
N LYS B 156 10.73 -17.99 36.36
CA LYS B 156 10.99 -19.42 36.49
C LYS B 156 12.47 -19.72 36.33
N LEU B 157 13.15 -19.01 35.42
CA LEU B 157 14.57 -19.15 35.20
C LEU B 157 15.43 -18.63 36.37
N GLY B 158 14.79 -18.05 37.38
CA GLY B 158 15.50 -17.54 38.54
C GLY B 158 15.86 -16.06 38.50
N HIS B 159 15.45 -15.35 37.47
CA HIS B 159 15.82 -13.94 37.38
C HIS B 159 14.79 -13.06 38.05
N VAL B 160 15.18 -11.79 38.27
CA VAL B 160 14.35 -10.80 38.97
C VAL B 160 14.09 -9.60 38.08
N VAL B 161 12.82 -9.21 37.91
CA VAL B 161 12.51 -8.10 37.00
C VAL B 161 11.73 -6.91 37.59
N SER B 162 10.46 -7.13 37.96
CA SER B 162 9.61 -6.05 38.45
C SER B 162 10.08 -5.53 39.80
CA CA E . -2.80 -1.85 3.64
CA CA F . -1.43 -3.94 -2.83
#